data_6HWZ
#
_entry.id   6HWZ
#
_cell.length_a   62.380
_cell.length_b   71.527
_cell.length_c   120.695
_cell.angle_alpha   90.00
_cell.angle_beta   90.00
_cell.angle_gamma   90.00
#
_symmetry.space_group_name_H-M   'P 21 21 21'
#
loop_
_entity.id
_entity.type
_entity.pdbx_description
1 polymer 'Carbonic anhydrase 1'
2 non-polymer 'ZINC ION'
3 non-polymer benzeneselenol
4 water water
#
_entity_poly.entity_id   1
_entity_poly.type   'polypeptide(L)'
_entity_poly.pdbx_seq_one_letter_code
;MASPDWGYDDKNGPEQWSKLYPIANGNNQSPVDIKTSETKHDTSLKPISVSYNPATAKEIINVGHSFHVNFEDNDNRSVL
KGGPFSDSYRLFQFHFHWGSTNEHGSEHTVDGVKYSAELHVAHWNSAKYSSLAEAASKADGLAVIGVLMKVGEANPKLQK
VLDALQAIKTKGKRAPFTNFDPSTLLPSSLDFWTYPGSLTHPPLYESVTWIICKESISVSSEQLAQFRSLLSNVEGDNAV
PMQHNNRPTQPLKGRTVRASF
;
_entity_poly.pdbx_strand_id   A,B
#
# COMPACT_ATOMS: atom_id res chain seq x y z
N TRP A 6 -7.92 17.44 -14.61
CA TRP A 6 -8.84 17.14 -13.45
C TRP A 6 -8.34 15.99 -12.59
N GLY A 7 -8.77 15.95 -11.32
CA GLY A 7 -8.48 14.81 -10.47
C GLY A 7 -9.38 14.75 -9.26
N TYR A 8 -8.82 14.24 -8.16
CA TYR A 8 -9.52 14.31 -6.89
C TYR A 8 -8.77 15.17 -5.85
N ASP A 9 -7.72 15.90 -6.30
CA ASP A 9 -7.01 16.86 -5.45
C ASP A 9 -7.92 18.02 -5.06
N ASP A 10 -7.35 19.00 -4.35
CA ASP A 10 -8.11 20.16 -3.92
C ASP A 10 -8.28 21.14 -5.09
N LYS A 11 -7.16 21.41 -5.78
CA LYS A 11 -7.18 22.31 -6.89
C LYS A 11 -7.80 21.74 -8.16
N ASN A 12 -7.83 20.42 -8.31
CA ASN A 12 -8.37 19.82 -9.55
C ASN A 12 -9.57 18.86 -9.35
N GLY A 13 -10.13 18.85 -8.14
CA GLY A 13 -11.14 17.85 -7.75
C GLY A 13 -12.60 18.21 -7.92
N PRO A 14 -13.53 17.35 -7.43
CA PRO A 14 -14.95 17.53 -7.71
C PRO A 14 -15.43 18.96 -7.62
N GLU A 15 -14.93 19.73 -6.68
CA GLU A 15 -15.39 21.11 -6.48
C GLU A 15 -14.95 22.06 -7.61
N GLN A 16 -13.81 21.76 -8.22
CA GLN A 16 -13.27 22.52 -9.36
C GLN A 16 -13.81 22.10 -10.74
N TRP A 17 -14.29 20.86 -10.84
CA TRP A 17 -14.67 20.26 -12.11
C TRP A 17 -15.57 21.12 -13.01
N SER A 18 -16.43 21.95 -12.45
CA SER A 18 -17.35 22.74 -13.30
C SER A 18 -16.64 23.85 -14.12
N LYS A 19 -15.43 24.22 -13.73
CA LYS A 19 -14.69 25.28 -14.44
C LYS A 19 -14.38 24.88 -15.87
N LEU A 20 -14.07 23.60 -16.10
CA LEU A 20 -13.86 23.08 -17.47
C LEU A 20 -15.03 22.22 -18.00
N TYR A 21 -15.87 21.69 -17.11
CA TYR A 21 -16.99 20.84 -17.50
C TYR A 21 -18.23 21.39 -16.87
N PRO A 22 -18.90 22.33 -17.55
CA PRO A 22 -20.02 23.02 -16.89
C PRO A 22 -21.23 22.12 -16.69
N ILE A 23 -21.23 20.95 -17.35
CA ILE A 23 -22.28 19.95 -17.10
C ILE A 23 -22.22 19.40 -15.63
N ALA A 24 -21.12 19.66 -14.92
CA ALA A 24 -21.01 19.29 -13.51
C ALA A 24 -22.22 19.81 -12.74
N ASN A 25 -22.67 21.02 -13.09
CA ASN A 25 -23.87 21.62 -12.46
C ASN A 25 -25.20 21.34 -13.22
N GLY A 26 -25.27 20.24 -14.01
CA GLY A 26 -26.45 19.91 -14.83
C GLY A 26 -27.60 19.33 -14.02
N ASN A 27 -28.57 18.75 -14.71
CA ASN A 27 -29.81 18.29 -14.08
C ASN A 27 -29.87 16.80 -13.91
N ASN A 28 -28.93 16.12 -14.58
CA ASN A 28 -28.84 14.65 -14.53
C ASN A 28 -27.48 14.16 -14.06
N GLN A 29 -26.89 14.87 -13.07
CA GLN A 29 -25.61 14.50 -12.43
C GLN A 29 -25.64 13.38 -11.40
N SER A 30 -24.55 12.60 -11.37
CA SER A 30 -24.41 11.43 -10.50
C SER A 30 -23.10 11.55 -9.69
N PRO A 31 -23.02 10.94 -8.49
CA PRO A 31 -24.07 10.09 -7.95
C PRO A 31 -25.10 10.92 -7.15
N VAL A 32 -26.09 10.22 -6.62
CA VAL A 32 -27.13 10.83 -5.80
C VAL A 32 -27.35 10.06 -4.51
N ASP A 33 -28.05 10.71 -3.57
CA ASP A 33 -28.60 10.04 -2.43
C ASP A 33 -29.98 9.48 -2.74
N ILE A 34 -30.12 8.16 -2.65
CA ILE A 34 -31.38 7.49 -2.79
C ILE A 34 -32.11 7.55 -1.45
N LYS A 35 -33.10 8.45 -1.34
CA LYS A 35 -34.05 8.44 -0.20
C LYS A 35 -35.17 7.43 -0.41
N THR A 36 -35.22 6.40 0.42
CA THR A 36 -36.08 5.24 0.11
C THR A 36 -37.57 5.53 0.29
N SER A 37 -37.85 6.58 1.05
CA SER A 37 -39.24 6.95 1.35
C SER A 37 -39.78 7.77 0.17
N GLU A 38 -38.88 8.25 -0.70
CA GLU A 38 -39.26 8.98 -1.92
C GLU A 38 -39.14 8.22 -3.26
N THR A 39 -38.70 6.95 -3.22
CA THR A 39 -38.57 6.11 -4.40
C THR A 39 -39.96 5.61 -4.80
N LYS A 40 -40.17 5.34 -6.09
CA LYS A 40 -41.47 4.85 -6.55
C LYS A 40 -41.37 3.51 -7.22
N HIS A 41 -42.13 2.56 -6.67
CA HIS A 41 -42.11 1.18 -7.16
C HIS A 41 -42.66 1.28 -8.56
N ASP A 42 -41.90 0.77 -9.52
CA ASP A 42 -42.33 0.71 -10.88
C ASP A 42 -42.54 -0.73 -11.21
N THR A 43 -43.78 -1.03 -11.56
CA THR A 43 -44.20 -2.39 -11.65
C THR A 43 -43.90 -2.97 -13.06
N SER A 44 -43.61 -2.08 -14.01
CA SER A 44 -43.15 -2.49 -15.35
C SER A 44 -41.64 -2.85 -15.46
N LEU A 45 -40.85 -2.55 -14.43
CA LEU A 45 -39.43 -2.95 -14.40
C LEU A 45 -39.25 -4.46 -14.43
N LYS A 46 -38.58 -4.92 -15.48
CA LYS A 46 -38.18 -6.30 -15.66
C LYS A 46 -36.98 -6.66 -14.72
N PRO A 47 -36.77 -7.95 -14.41
CA PRO A 47 -35.53 -8.31 -13.72
C PRO A 47 -34.30 -8.04 -14.61
N ILE A 48 -33.20 -7.68 -13.96
CA ILE A 48 -31.89 -7.54 -14.60
C ILE A 48 -31.39 -8.94 -14.99
N SER A 49 -30.98 -9.06 -16.24
CA SER A 49 -30.38 -10.25 -16.75
C SER A 49 -28.95 -9.92 -17.19
N VAL A 50 -27.96 -10.54 -16.55
CA VAL A 50 -26.60 -10.44 -17.09
C VAL A 50 -26.07 -11.78 -17.59
N SER A 51 -25.43 -11.75 -18.74
CA SER A 51 -24.75 -12.95 -19.17
C SER A 51 -23.45 -12.55 -19.79
N TYR A 52 -22.38 -12.79 -19.08
CA TYR A 52 -21.05 -12.38 -19.51
C TYR A 52 -20.22 -13.59 -19.86
N ASN A 53 -19.41 -13.50 -20.90
CA ASN A 53 -18.52 -14.61 -21.28
C ASN A 53 -17.11 -14.35 -20.74
N PRO A 54 -16.57 -15.27 -19.90
CA PRO A 54 -15.29 -14.92 -19.27
C PRO A 54 -14.18 -14.62 -20.29
N ALA A 55 -14.29 -15.17 -21.49
CA ALA A 55 -13.29 -14.94 -22.55
C ALA A 55 -13.25 -13.49 -23.05
N THR A 56 -14.17 -12.62 -22.65
CA THR A 56 -14.10 -11.23 -23.09
C THR A 56 -13.26 -10.37 -22.18
N ALA A 57 -12.82 -10.92 -21.05
CA ALA A 57 -11.99 -10.12 -20.17
C ALA A 57 -10.67 -9.90 -20.92
N LYS A 58 -10.11 -8.68 -20.85
CA LYS A 58 -8.93 -8.30 -21.66
C LYS A 58 -7.70 -7.76 -20.92
N GLU A 59 -7.85 -6.73 -20.09
CA GLU A 59 -6.73 -6.00 -19.70
C GLU A 59 -7.14 -5.23 -18.46
N ILE A 60 -6.17 -4.96 -17.59
CA ILE A 60 -6.33 -4.11 -16.40
C ILE A 60 -5.37 -2.96 -16.53
N ILE A 61 -5.80 -1.76 -16.16
CA ILE A 61 -4.96 -0.58 -16.45
C ILE A 61 -4.98 0.40 -15.33
N ASN A 62 -3.83 0.95 -15.00
CA ASN A 62 -3.78 1.99 -14.03
C ASN A 62 -3.96 3.31 -14.73
N VAL A 63 -5.09 3.98 -14.45
CA VAL A 63 -5.45 5.25 -15.14
C VAL A 63 -5.19 6.49 -14.31
N GLY A 64 -4.39 6.33 -13.29
CA GLY A 64 -3.90 7.49 -12.54
C GLY A 64 -4.85 7.88 -11.42
N HIS A 65 -6.15 7.92 -11.70
CA HIS A 65 -7.14 8.22 -10.67
C HIS A 65 -7.83 6.96 -10.18
N SER A 66 -7.62 5.85 -10.89
CA SER A 66 -8.31 4.62 -10.60
C SER A 66 -7.68 3.55 -11.41
N PHE A 67 -8.32 2.40 -11.48
CA PHE A 67 -7.85 1.32 -12.39
C PHE A 67 -9.08 0.79 -13.08
N HIS A 68 -8.92 0.33 -14.31
CA HIS A 68 -10.04 -0.20 -15.06
C HIS A 68 -9.75 -1.62 -15.52
N VAL A 69 -10.79 -2.45 -15.53
CA VAL A 69 -10.68 -3.79 -16.14
C VAL A 69 -11.56 -3.75 -17.36
N ASN A 70 -10.91 -3.84 -18.52
CA ASN A 70 -11.57 -3.67 -19.79
C ASN A 70 -11.86 -5.01 -20.39
N PHE A 71 -12.95 -5.02 -21.15
CA PHE A 71 -13.44 -6.21 -21.86
C PHE A 71 -13.52 -5.98 -23.36
N GLU A 72 -13.20 -7.01 -24.13
CA GLU A 72 -13.41 -7.00 -25.53
C GLU A 72 -14.89 -6.75 -25.74
N ASP A 73 -15.19 -5.74 -26.59
CA ASP A 73 -16.56 -5.31 -26.89
C ASP A 73 -16.94 -5.26 -28.38
N ASN A 74 -16.37 -6.18 -29.16
CA ASN A 74 -16.68 -6.27 -30.59
C ASN A 74 -17.96 -7.04 -30.87
N ASP A 75 -18.49 -7.80 -29.92
CA ASP A 75 -19.71 -8.55 -30.20
C ASP A 75 -20.59 -8.67 -28.97
N ASN A 76 -21.61 -9.51 -29.02
CA ASN A 76 -22.55 -9.59 -27.91
C ASN A 76 -22.34 -10.77 -27.01
N ARG A 77 -21.10 -11.25 -26.95
CA ARG A 77 -20.73 -12.29 -26.02
C ARG A 77 -21.09 -11.93 -24.55
N SER A 78 -20.97 -10.65 -24.20
CA SER A 78 -21.16 -10.24 -22.80
C SER A 78 -22.19 -9.11 -22.73
N VAL A 79 -23.35 -9.40 -22.16
CA VAL A 79 -24.45 -8.45 -22.28
C VAL A 79 -25.28 -8.26 -21.01
N LEU A 80 -25.84 -7.07 -20.88
CA LEU A 80 -26.88 -6.75 -19.89
C LEU A 80 -28.23 -6.55 -20.63
N LYS A 81 -29.30 -7.06 -20.05
CA LYS A 81 -30.67 -6.93 -20.58
C LYS A 81 -31.70 -6.82 -19.41
N GLY A 82 -32.96 -6.58 -19.73
CA GLY A 82 -34.01 -6.50 -18.72
C GLY A 82 -33.98 -5.15 -17.99
N GLY A 83 -34.45 -5.15 -16.74
CA GLY A 83 -34.54 -3.90 -15.96
C GLY A 83 -35.39 -2.89 -16.67
N PRO A 84 -34.92 -1.66 -16.84
CA PRO A 84 -35.67 -0.67 -17.59
C PRO A 84 -35.37 -0.64 -19.10
N PHE A 85 -34.60 -1.57 -19.64
CA PHE A 85 -34.15 -1.45 -21.04
C PHE A 85 -34.87 -2.40 -21.97
N SER A 86 -35.04 -1.99 -23.23
CA SER A 86 -35.49 -2.89 -24.31
C SER A 86 -34.28 -3.29 -25.12
N ASP A 87 -33.27 -2.45 -25.06
CA ASP A 87 -32.08 -2.65 -25.86
C ASP A 87 -31.15 -3.58 -25.10
N SER A 88 -30.35 -4.38 -25.79
CA SER A 88 -29.31 -5.14 -25.16
C SER A 88 -28.09 -4.21 -24.95
N TYR A 89 -27.42 -4.28 -23.80
CA TYR A 89 -26.20 -3.45 -23.59
C TYR A 89 -24.96 -4.31 -23.47
N ARG A 90 -23.87 -3.80 -24.04
CA ARG A 90 -22.67 -4.60 -24.18
C ARG A 90 -21.65 -4.24 -23.08
N LEU A 91 -21.16 -5.24 -22.36
CA LEU A 91 -20.21 -4.98 -21.26
C LEU A 91 -18.93 -4.39 -21.83
N PHE A 92 -18.40 -3.35 -21.23
CA PHE A 92 -17.04 -2.93 -21.66
C PHE A 92 -15.94 -2.77 -20.57
N GLN A 93 -16.36 -2.59 -19.31
CA GLN A 93 -15.44 -2.24 -18.26
C GLN A 93 -16.09 -2.42 -16.91
N PHE A 94 -15.26 -2.72 -15.92
CA PHE A 94 -15.67 -2.48 -14.55
C PHE A 94 -14.56 -1.77 -13.82
N HIS A 95 -14.92 -0.99 -12.81
CA HIS A 95 -13.96 -0.32 -11.93
C HIS A 95 -14.60 -0.04 -10.55
N PHE A 96 -13.82 0.51 -9.61
CA PHE A 96 -14.30 0.73 -8.26
C PHE A 96 -14.08 2.18 -8.00
N HIS A 97 -14.80 2.67 -6.99
CA HIS A 97 -14.46 3.93 -6.38
C HIS A 97 -14.31 3.63 -4.89
N TRP A 98 -13.45 4.39 -4.23
CA TRP A 98 -13.22 4.25 -2.80
C TRP A 98 -12.89 5.59 -2.18
N GLY A 99 -12.78 5.62 -0.86
CA GLY A 99 -12.56 6.85 -0.10
C GLY A 99 -11.29 6.80 0.73
N SER A 100 -10.93 7.92 1.37
CA SER A 100 -9.76 8.04 2.27
C SER A 100 -9.82 7.03 3.41
N THR A 101 -11.01 6.96 4.03
CA THR A 101 -11.27 6.12 5.20
C THR A 101 -12.39 5.14 4.85
N ASN A 102 -12.48 4.01 5.58
CA ASN A 102 -13.66 3.13 5.59
C ASN A 102 -15.06 3.81 5.69
N GLU A 103 -15.10 4.97 6.33
CA GLU A 103 -16.34 5.64 6.70
C GLU A 103 -17.10 6.22 5.47
N HIS A 104 -16.37 6.66 4.43
CA HIS A 104 -16.98 7.08 3.16
CA HIS A 104 -17.04 7.05 3.16
C HIS A 104 -16.30 6.22 2.09
N GLY A 105 -16.48 6.52 0.83
CA GLY A 105 -15.89 5.63 -0.17
C GLY A 105 -16.83 5.35 -1.30
N SER A 106 -18.08 5.01 -0.99
CA SER A 106 -19.07 4.83 -2.04
C SER A 106 -19.39 6.17 -2.68
N GLU A 107 -20.00 6.10 -3.86
CA GLU A 107 -20.45 7.32 -4.52
C GLU A 107 -21.91 7.53 -4.23
N HIS A 108 -22.74 6.54 -4.55
CA HIS A 108 -24.19 6.60 -4.21
C HIS A 108 -24.30 6.38 -2.68
N THR A 109 -25.34 6.98 -2.06
CA THR A 109 -25.64 6.83 -0.62
C THR A 109 -27.12 6.48 -0.56
N VAL A 110 -27.52 5.75 0.47
CA VAL A 110 -28.90 5.28 0.59
C VAL A 110 -29.41 5.80 1.93
N ASP A 111 -30.42 6.68 1.88
CA ASP A 111 -30.96 7.34 3.09
C ASP A 111 -29.82 7.99 3.86
N GLY A 112 -28.89 8.63 3.15
CA GLY A 112 -27.72 9.28 3.77
C GLY A 112 -26.57 8.39 4.26
N VAL A 113 -26.72 7.06 4.22
CA VAL A 113 -25.66 6.18 4.67
C VAL A 113 -24.57 6.05 3.57
N LYS A 114 -23.32 6.38 3.92
CA LYS A 114 -22.13 6.18 3.03
C LYS A 114 -21.57 4.78 3.23
N TYR A 115 -21.31 4.04 2.16
CA TYR A 115 -20.56 2.81 2.23
C TYR A 115 -19.09 3.01 1.95
N SER A 116 -18.33 1.93 1.90
CA SER A 116 -16.85 2.10 1.97
C SER A 116 -16.22 2.10 0.59
N ALA A 117 -16.91 1.44 -0.35
CA ALA A 117 -16.50 1.44 -1.75
C ALA A 117 -17.72 1.20 -2.64
N GLU A 118 -17.53 1.36 -3.94
CA GLU A 118 -18.61 1.08 -4.91
C GLU A 118 -17.99 0.48 -6.19
N LEU A 119 -18.59 -0.61 -6.67
CA LEU A 119 -18.26 -1.27 -7.95
C LEU A 119 -19.21 -0.80 -9.06
N HIS A 120 -18.63 -0.35 -10.15
CA HIS A 120 -19.37 0.03 -11.37
C HIS A 120 -19.08 -0.95 -12.49
N VAL A 121 -20.13 -1.57 -13.01
CA VAL A 121 -20.02 -2.49 -14.18
C VAL A 121 -20.73 -1.77 -15.35
N ALA A 122 -19.95 -1.31 -16.33
CA ALA A 122 -20.43 -0.39 -17.37
C ALA A 122 -20.65 -1.06 -18.70
N HIS A 123 -21.69 -0.61 -19.40
CA HIS A 123 -22.14 -1.27 -20.65
C HIS A 123 -22.55 -0.20 -21.64
N TRP A 124 -22.39 -0.47 -22.93
CA TRP A 124 -22.88 0.51 -23.92
C TRP A 124 -23.97 0.00 -24.85
N ASN A 125 -24.81 0.92 -25.29
CA ASN A 125 -26.01 0.56 -26.08
C ASN A 125 -25.62 0.17 -27.52
N SER A 126 -25.37 -1.12 -27.72
CA SER A 126 -24.98 -1.66 -29.05
C SER A 126 -26.18 -2.03 -29.96
N ALA A 127 -27.40 -1.92 -29.46
CA ALA A 127 -28.58 -2.02 -30.33
C ALA A 127 -28.71 -0.74 -31.19
N LYS A 128 -28.45 0.42 -30.59
CA LYS A 128 -28.67 1.71 -31.25
C LYS A 128 -27.38 2.35 -31.78
N TYR A 129 -26.23 2.03 -31.19
CA TYR A 129 -24.97 2.66 -31.60
C TYR A 129 -23.95 1.63 -31.99
N SER A 130 -22.86 2.09 -32.62
CA SER A 130 -21.93 1.19 -33.28
C SER A 130 -20.65 1.03 -32.50
N SER A 131 -20.42 1.92 -31.55
CA SER A 131 -19.21 1.92 -30.75
C SER A 131 -19.47 2.62 -29.41
N LEU A 132 -18.61 2.33 -28.44
CA LEU A 132 -18.58 3.01 -27.16
C LEU A 132 -18.43 4.53 -27.34
N ALA A 133 -17.49 4.92 -28.20
CA ALA A 133 -17.21 6.34 -28.44
C ALA A 133 -18.44 7.10 -28.86
N GLU A 134 -19.22 6.53 -29.77
CA GLU A 134 -20.50 7.12 -30.14
C GLU A 134 -21.53 7.09 -28.98
N ALA A 135 -21.68 5.93 -28.35
CA ALA A 135 -22.70 5.72 -27.29
C ALA A 135 -22.50 6.66 -26.06
N ALA A 136 -21.27 7.05 -25.81
CA ALA A 136 -20.88 7.56 -24.51
C ALA A 136 -21.51 8.91 -24.20
N SER A 137 -21.98 9.61 -25.23
CA SER A 137 -22.47 10.97 -25.06
C SER A 137 -23.99 11.01 -25.27
N LYS A 138 -24.58 9.84 -25.52
CA LYS A 138 -26.01 9.75 -25.83
C LYS A 138 -26.82 9.51 -24.56
N ALA A 139 -27.99 10.11 -24.49
CA ALA A 139 -28.82 9.98 -23.32
C ALA A 139 -29.09 8.52 -22.97
N ASP A 140 -29.29 7.66 -23.95
CA ASP A 140 -29.58 6.26 -23.68
C ASP A 140 -28.39 5.37 -24.02
N GLY A 141 -27.21 5.97 -24.01
CA GLY A 141 -26.01 5.30 -24.45
C GLY A 141 -25.30 4.34 -23.49
N LEU A 142 -25.30 4.64 -22.18
CA LEU A 142 -24.57 3.82 -21.19
C LEU A 142 -25.52 3.25 -20.15
N ALA A 143 -25.24 2.03 -19.72
CA ALA A 143 -25.94 1.37 -18.61
C ALA A 143 -24.84 0.93 -17.62
N VAL A 144 -24.95 1.41 -16.37
CA VAL A 144 -23.97 1.09 -15.30
C VAL A 144 -24.65 0.48 -14.04
N ILE A 145 -24.31 -0.75 -13.74
CA ILE A 145 -24.66 -1.40 -12.46
C ILE A 145 -23.71 -0.84 -11.38
N GLY A 146 -24.30 -0.32 -10.32
CA GLY A 146 -23.58 0.19 -9.17
C GLY A 146 -23.86 -0.74 -8.00
N VAL A 147 -22.80 -1.28 -7.40
CA VAL A 147 -22.95 -2.13 -6.21
C VAL A 147 -22.23 -1.50 -5.05
N LEU A 148 -22.98 -1.23 -3.97
CA LEU A 148 -22.44 -0.72 -2.72
C LEU A 148 -21.61 -1.76 -2.00
N MET A 149 -20.45 -1.33 -1.57
CA MET A 149 -19.51 -2.21 -0.92
C MET A 149 -19.37 -1.91 0.58
N LYS A 150 -19.82 -2.85 1.41
CA LYS A 150 -19.86 -2.61 2.86
C LYS A 150 -18.66 -3.26 3.55
N VAL A 151 -17.91 -2.48 4.29
CA VAL A 151 -16.73 -3.04 4.98
C VAL A 151 -17.11 -4.18 5.97
N GLY A 152 -16.42 -5.31 5.89
CA GLY A 152 -16.69 -6.45 6.78
C GLY A 152 -15.77 -7.58 6.37
N GLU A 153 -16.36 -8.73 6.05
CA GLU A 153 -15.61 -9.95 5.71
C GLU A 153 -14.86 -9.77 4.38
N ALA A 154 -13.65 -10.30 4.32
CA ALA A 154 -12.89 -10.35 3.08
C ALA A 154 -13.77 -11.01 2.04
N ASN A 155 -13.78 -10.43 0.85
CA ASN A 155 -14.55 -10.95 -0.24
C ASN A 155 -13.67 -11.83 -1.15
N PRO A 156 -13.87 -13.15 -1.13
CA PRO A 156 -12.94 -13.89 -1.99
C PRO A 156 -13.09 -13.61 -3.52
N LYS A 157 -14.27 -13.20 -3.96
CA LYS A 157 -14.50 -12.93 -5.38
C LYS A 157 -13.66 -11.75 -5.88
N LEU A 158 -13.29 -10.82 -5.00
CA LEU A 158 -12.39 -9.72 -5.36
C LEU A 158 -10.97 -10.14 -5.67
N GLN A 159 -10.73 -11.45 -5.46
CA GLN A 159 -9.41 -12.05 -5.39
C GLN A 159 -8.53 -11.81 -6.59
N LYS A 160 -8.90 -12.37 -7.73
CA LYS A 160 -8.12 -12.23 -8.96
C LYS A 160 -7.84 -10.75 -9.25
N VAL A 161 -8.80 -9.88 -8.96
CA VAL A 161 -8.64 -8.45 -9.27
C VAL A 161 -7.53 -7.86 -8.44
N LEU A 162 -7.67 -8.03 -7.12
CA LEU A 162 -6.66 -7.54 -6.16
C LEU A 162 -5.25 -8.11 -6.40
N ASP A 163 -5.17 -9.39 -6.79
CA ASP A 163 -3.87 -9.97 -7.07
C ASP A 163 -3.25 -9.43 -8.35
N ALA A 164 -4.06 -8.82 -9.22
CA ALA A 164 -3.54 -8.31 -10.49
C ALA A 164 -2.89 -6.95 -10.26
N LEU A 165 -3.25 -6.25 -9.19
CA LEU A 165 -2.81 -4.86 -9.00
C LEU A 165 -1.30 -4.68 -8.82
N GLN A 166 -0.62 -5.70 -8.28
CA GLN A 166 0.85 -5.65 -8.16
C GLN A 166 1.53 -5.50 -9.54
N ALA A 167 0.86 -5.87 -10.63
CA ALA A 167 1.46 -5.62 -11.98
C ALA A 167 1.18 -4.25 -12.57
N ILE A 168 0.31 -3.48 -11.92
CA ILE A 168 -0.06 -2.19 -12.47
C ILE A 168 0.02 -1.12 -11.42
N LYS A 169 1.14 -1.10 -10.70
CA LYS A 169 1.28 -0.22 -9.55
C LYS A 169 1.23 1.24 -9.82
N THR A 170 1.79 1.63 -10.96
CA THR A 170 1.96 3.04 -11.25
C THR A 170 1.16 3.43 -12.53
N LYS A 171 0.97 4.73 -12.67
CA LYS A 171 0.18 5.31 -13.76
C LYS A 171 0.59 4.86 -15.16
N GLY A 172 -0.38 4.40 -15.97
CA GLY A 172 -0.07 3.95 -17.33
C GLY A 172 0.28 2.49 -17.44
N LYS A 173 0.65 1.88 -16.33
CA LYS A 173 0.95 0.44 -16.41
C LYS A 173 -0.32 -0.31 -16.76
N ARG A 174 -0.18 -1.37 -17.54
CA ARG A 174 -1.32 -2.18 -17.92
C ARG A 174 -0.84 -3.62 -18.07
N ALA A 175 -1.76 -4.58 -18.00
CA ALA A 175 -1.41 -6.00 -18.15
C ALA A 175 -2.61 -6.77 -18.55
N PRO A 176 -2.40 -7.91 -19.22
CA PRO A 176 -3.50 -8.78 -19.61
C PRO A 176 -4.31 -9.15 -18.35
N PHE A 177 -5.60 -9.32 -18.51
CA PHE A 177 -6.42 -9.74 -17.38
C PHE A 177 -7.50 -10.53 -18.04
N THR A 178 -7.41 -11.86 -18.02
CA THR A 178 -8.29 -12.67 -18.85
C THR A 178 -9.08 -13.73 -18.06
N ASN A 179 -10.04 -14.33 -18.75
CA ASN A 179 -10.80 -15.48 -18.24
C ASN A 179 -11.49 -15.05 -16.93
N PHE A 180 -12.27 -13.98 -17.00
CA PHE A 180 -12.95 -13.47 -15.80
C PHE A 180 -14.38 -13.02 -16.09
N ASP A 181 -15.32 -13.50 -15.27
CA ASP A 181 -16.69 -13.16 -15.47
C ASP A 181 -17.08 -12.26 -14.29
N PRO A 182 -17.33 -10.96 -14.59
CA PRO A 182 -17.57 -10.07 -13.45
C PRO A 182 -18.98 -10.20 -12.84
N SER A 183 -19.84 -11.05 -13.38
CA SER A 183 -21.13 -11.31 -12.67
C SER A 183 -20.90 -12.03 -11.32
N THR A 184 -19.75 -12.69 -11.16
CA THR A 184 -19.34 -13.28 -9.88
C THR A 184 -19.11 -12.23 -8.76
N LEU A 185 -18.95 -10.96 -9.09
CA LEU A 185 -18.85 -9.90 -8.07
C LEU A 185 -20.19 -9.28 -7.65
N LEU A 186 -21.25 -9.65 -8.35
CA LEU A 186 -22.57 -9.02 -8.10
C LEU A 186 -23.27 -9.66 -6.88
N PRO A 187 -24.16 -8.91 -6.19
CA PRO A 187 -24.85 -9.54 -5.04
C PRO A 187 -25.85 -10.63 -5.48
N SER A 188 -26.20 -11.53 -4.57
CA SER A 188 -27.08 -12.65 -4.96
C SER A 188 -28.48 -12.20 -5.42
N SER A 189 -28.98 -11.09 -4.86
CA SER A 189 -30.23 -10.52 -5.28
C SER A 189 -29.93 -9.38 -6.27
N LEU A 190 -30.65 -9.35 -7.39
CA LEU A 190 -30.51 -8.21 -8.29
C LEU A 190 -31.64 -7.17 -8.20
N ASP A 191 -32.31 -7.06 -7.03
CA ASP A 191 -33.26 -5.97 -6.84
C ASP A 191 -32.53 -4.66 -6.95
N PHE A 192 -33.14 -3.67 -7.59
CA PHE A 192 -32.41 -2.43 -7.87
C PHE A 192 -33.25 -1.17 -7.85
N TRP A 193 -32.54 -0.06 -7.62
CA TRP A 193 -33.03 1.26 -7.99
C TRP A 193 -32.51 1.66 -9.38
N THR A 194 -33.31 2.45 -10.08
CA THR A 194 -32.81 3.09 -11.31
C THR A 194 -33.18 4.56 -11.47
N TYR A 195 -32.32 5.32 -12.10
CA TYR A 195 -32.59 6.73 -12.35
C TYR A 195 -31.66 7.15 -13.50
N PRO A 196 -31.99 8.26 -14.19
CA PRO A 196 -31.13 8.77 -15.26
C PRO A 196 -30.05 9.67 -14.74
N GLY A 197 -28.80 9.39 -15.11
CA GLY A 197 -27.75 10.16 -14.53
C GLY A 197 -26.54 10.29 -15.42
N SER A 198 -25.38 10.33 -14.80
CA SER A 198 -24.16 10.71 -15.50
C SER A 198 -22.99 9.82 -15.11
N LEU A 199 -21.87 9.99 -15.81
CA LEU A 199 -20.57 9.55 -15.34
C LEU A 199 -20.27 10.39 -14.10
N THR A 200 -19.58 9.81 -13.14
CA THR A 200 -19.26 10.51 -11.90
C THR A 200 -17.92 11.22 -11.89
N HIS A 201 -17.22 11.15 -13.01
CA HIS A 201 -16.04 11.97 -13.20
C HIS A 201 -16.01 12.55 -14.63
N PRO A 202 -15.20 13.59 -14.88
CA PRO A 202 -15.04 14.14 -16.25
C PRO A 202 -14.90 13.01 -17.30
N PRO A 203 -15.61 13.12 -18.42
CA PRO A 203 -16.33 14.34 -18.83
C PRO A 203 -17.78 14.50 -18.33
N LEU A 204 -18.24 13.61 -17.46
CA LEU A 204 -19.52 13.83 -16.77
C LEU A 204 -20.76 13.81 -17.66
N TYR A 205 -20.71 13.08 -18.78
CA TYR A 205 -21.79 13.01 -19.75
C TYR A 205 -23.06 12.46 -19.09
N GLU A 206 -24.19 13.09 -19.39
CA GLU A 206 -25.45 12.65 -18.86
C GLU A 206 -26.02 11.58 -19.74
N SER A 207 -25.30 10.47 -19.80
CA SER A 207 -25.56 9.38 -20.68
C SER A 207 -25.87 8.05 -20.03
N VAL A 208 -25.99 8.04 -18.69
CA VAL A 208 -26.04 6.78 -17.97
C VAL A 208 -27.40 6.51 -17.35
N THR A 209 -27.93 5.32 -17.61
CA THR A 209 -29.05 4.81 -16.84
C THR A 209 -28.40 3.97 -15.73
N TRP A 210 -28.55 4.42 -14.49
CA TRP A 210 -27.99 3.73 -13.32
C TRP A 210 -28.90 2.59 -12.88
N ILE A 211 -28.29 1.47 -12.54
CA ILE A 211 -28.92 0.32 -11.90
C ILE A 211 -28.15 0.13 -10.58
N ILE A 212 -28.71 0.64 -9.48
CA ILE A 212 -28.09 0.53 -8.16
C ILE A 212 -28.64 -0.68 -7.41
N CYS A 213 -27.82 -1.66 -7.10
CA CYS A 213 -28.32 -2.84 -6.34
C CYS A 213 -28.72 -2.46 -4.90
N LYS A 214 -29.89 -2.97 -4.43
CA LYS A 214 -30.23 -2.79 -3.00
C LYS A 214 -29.28 -3.58 -2.03
N GLU A 215 -28.78 -4.74 -2.46
CA GLU A 215 -27.98 -5.59 -1.61
C GLU A 215 -26.53 -5.14 -1.80
N SER A 216 -25.80 -4.99 -0.69
CA SER A 216 -24.35 -4.66 -0.71
C SER A 216 -23.54 -5.94 -0.91
N ILE A 217 -22.25 -5.78 -1.21
CA ILE A 217 -21.32 -6.93 -1.19
C ILE A 217 -20.25 -6.54 -0.15
N SER A 218 -19.49 -7.53 0.33
CA SER A 218 -18.53 -7.21 1.39
C SER A 218 -17.21 -6.86 0.76
N VAL A 219 -16.40 -6.21 1.57
CA VAL A 219 -15.00 -5.94 1.29
C VAL A 219 -14.32 -5.81 2.67
N SER A 220 -13.11 -6.39 2.85
CA SER A 220 -12.41 -6.20 4.13
C SER A 220 -11.67 -4.85 4.17
N SER A 221 -11.39 -4.40 5.38
CA SER A 221 -10.59 -3.20 5.57
C SER A 221 -9.18 -3.33 4.87
N GLU A 222 -8.65 -4.54 4.75
CA GLU A 222 -7.32 -4.76 4.15
C GLU A 222 -7.44 -4.72 2.62
N GLN A 223 -8.54 -5.30 2.11
CA GLN A 223 -8.88 -5.21 0.70
C GLN A 223 -8.96 -3.75 0.24
N LEU A 224 -9.60 -2.88 1.02
CA LEU A 224 -9.59 -1.47 0.74
C LEU A 224 -8.21 -0.84 0.75
N ALA A 225 -7.33 -1.32 1.64
CA ALA A 225 -5.95 -0.78 1.67
C ALA A 225 -5.25 -1.10 0.35
N GLN A 226 -5.52 -2.26 -0.23
CA GLN A 226 -4.90 -2.61 -1.48
C GLN A 226 -5.24 -1.60 -2.59
N PHE A 227 -6.51 -1.18 -2.68
CA PHE A 227 -6.88 -0.09 -3.58
C PHE A 227 -6.05 1.16 -3.36
N ARG A 228 -6.02 1.63 -2.11
CA ARG A 228 -5.39 2.90 -1.75
C ARG A 228 -3.88 2.83 -1.87
N SER A 229 -3.34 1.63 -2.02
CA SER A 229 -1.88 1.52 -2.23
C SER A 229 -1.46 1.50 -3.73
N LEU A 230 -2.43 1.42 -4.64
CA LEU A 230 -2.17 1.86 -6.05
C LEU A 230 -1.59 3.29 -6.09
N LEU A 231 -0.64 3.50 -6.98
CA LEU A 231 -0.01 4.81 -7.06
C LEU A 231 -0.49 5.63 -8.27
N SER A 232 -0.69 6.92 -8.08
CA SER A 232 -1.19 7.80 -9.14
C SER A 232 -0.07 8.45 -9.98
N ASN A 233 1.16 8.31 -9.52
CA ASN A 233 2.35 8.87 -10.19
C ASN A 233 2.89 7.85 -11.17
N VAL A 234 3.78 8.28 -12.08
CA VAL A 234 4.43 7.34 -13.01
C VAL A 234 5.65 6.69 -12.33
N GLU A 235 6.02 5.49 -12.79
CA GLU A 235 7.18 4.79 -12.27
C GLU A 235 8.40 5.68 -12.25
N GLY A 236 9.05 5.83 -11.08
CA GLY A 236 10.30 6.58 -11.01
C GLY A 236 10.10 7.82 -10.19
N ASP A 237 8.90 8.36 -10.26
CA ASP A 237 8.51 9.51 -9.45
C ASP A 237 8.19 9.14 -7.99
N ASN A 238 8.11 10.20 -7.17
CA ASN A 238 7.71 10.10 -5.77
C ASN A 238 6.37 9.41 -5.68
N ALA A 239 6.25 8.47 -4.74
CA ALA A 239 5.01 7.71 -4.59
C ALA A 239 3.82 8.58 -4.13
N VAL A 240 2.71 8.55 -4.86
CA VAL A 240 1.47 9.24 -4.43
C VAL A 240 0.31 8.20 -4.46
N PRO A 241 -0.05 7.66 -3.28
CA PRO A 241 -1.21 6.77 -3.14
C PRO A 241 -2.48 7.38 -3.74
N MET A 242 -3.25 6.51 -4.38
CA MET A 242 -4.57 6.83 -4.91
C MET A 242 -5.52 6.66 -3.72
N GLN A 243 -5.56 7.69 -2.89
CA GLN A 243 -6.25 7.62 -1.58
C GLN A 243 -7.76 7.52 -1.72
N HIS A 244 -8.31 8.33 -2.63
CA HIS A 244 -9.78 8.38 -2.85
C HIS A 244 -10.11 8.75 -4.32
N ASN A 245 -11.31 8.42 -4.79
CA ASN A 245 -11.76 8.79 -6.12
C ASN A 245 -13.31 8.82 -6.17
N ASN A 246 -13.93 9.19 -5.04
CA ASN A 246 -15.39 9.24 -4.97
C ASN A 246 -15.93 10.67 -5.01
N ARG A 247 -16.97 10.87 -5.80
CA ARG A 247 -17.55 12.20 -5.94
C ARG A 247 -18.69 12.36 -4.94
N PRO A 248 -18.85 13.57 -4.36
CA PRO A 248 -20.00 13.83 -3.50
C PRO A 248 -21.33 13.62 -4.22
N THR A 249 -22.38 13.22 -3.49
CA THR A 249 -23.71 13.13 -4.11
C THR A 249 -24.23 14.50 -4.62
N GLN A 250 -25.09 14.46 -5.65
CA GLN A 250 -25.51 15.64 -6.36
C GLN A 250 -27.04 15.78 -6.24
N PRO A 251 -27.59 17.00 -6.42
CA PRO A 251 -29.07 17.27 -6.44
C PRO A 251 -29.89 16.44 -7.45
N LEU A 252 -30.95 15.77 -6.99
CA LEU A 252 -31.84 15.04 -7.89
C LEU A 252 -32.43 15.94 -9.00
N LYS A 253 -32.53 17.23 -8.69
CA LYS A 253 -33.10 18.23 -9.58
C LYS A 253 -34.37 17.68 -10.23
N GLY A 254 -35.25 17.20 -9.38
CA GLY A 254 -36.53 16.74 -9.81
C GLY A 254 -36.62 15.37 -10.45
N ARG A 255 -35.50 14.68 -10.69
CA ARG A 255 -35.57 13.29 -11.21
C ARG A 255 -36.25 12.37 -10.21
N THR A 256 -36.74 11.25 -10.69
CA THR A 256 -37.33 10.27 -9.78
C THR A 256 -36.48 9.03 -9.75
N VAL A 257 -36.28 8.49 -8.56
CA VAL A 257 -35.64 7.20 -8.43
C VAL A 257 -36.68 6.12 -8.40
N ARG A 258 -36.64 5.20 -9.34
CA ARG A 258 -37.61 4.14 -9.34
C ARG A 258 -37.00 2.93 -8.70
N ALA A 259 -37.82 2.10 -8.06
CA ALA A 259 -37.38 0.87 -7.38
C ALA A 259 -37.96 -0.36 -8.05
N SER A 260 -37.20 -1.44 -8.21
CA SER A 260 -37.76 -2.69 -8.77
C SER A 260 -38.52 -3.58 -7.77
N PHE A 261 -38.66 -3.10 -6.55
CA PHE A 261 -39.01 -3.97 -5.43
C PHE A 261 -39.81 -3.13 -4.44
N TRP B 6 4.34 3.93 22.67
CA TRP B 6 5.42 4.53 21.76
C TRP B 6 5.29 4.20 20.29
N GLY B 7 5.65 5.17 19.46
CA GLY B 7 5.56 5.07 17.99
C GLY B 7 6.41 6.10 17.27
N TYR B 8 6.00 6.48 16.06
CA TYR B 8 6.70 7.52 15.30
C TYR B 8 5.85 8.77 15.01
N ASP B 9 4.60 8.75 15.48
CA ASP B 9 3.71 9.91 15.37
C ASP B 9 4.20 11.09 16.18
N ASP B 10 3.40 12.15 16.25
CA ASP B 10 3.78 13.29 17.05
C ASP B 10 3.32 13.16 18.50
N LYS B 11 2.36 12.26 18.74
CA LYS B 11 1.86 12.04 20.10
C LYS B 11 2.75 11.07 20.90
N ASN B 12 3.47 10.19 20.20
CA ASN B 12 4.24 9.08 20.83
C ASN B 12 5.60 8.79 20.19
N GLY B 13 6.12 9.76 19.42
CA GLY B 13 7.30 9.60 18.57
C GLY B 13 8.63 10.04 19.17
N PRO B 14 9.70 10.03 18.37
CA PRO B 14 11.04 10.20 18.88
C PRO B 14 11.19 11.32 19.88
N GLU B 15 10.41 12.40 19.72
CA GLU B 15 10.55 13.53 20.63
C GLU B 15 9.88 13.29 22.01
N GLN B 16 8.98 12.31 22.08
CA GLN B 16 8.28 11.91 23.33
C GLN B 16 8.93 10.76 24.08
N TRP B 17 9.91 10.10 23.46
CA TRP B 17 10.36 8.80 23.97
C TRP B 17 10.98 8.80 25.39
N SER B 18 11.77 9.83 25.70
CA SER B 18 12.45 9.90 26.99
C SER B 18 11.50 9.88 28.22
N LYS B 19 10.21 10.10 27.99
CA LYS B 19 9.19 10.02 29.06
C LYS B 19 9.04 8.63 29.62
N LEU B 20 8.97 7.62 28.74
CA LEU B 20 8.92 6.21 29.16
C LEU B 20 10.31 5.56 29.13
N TYR B 21 11.23 6.18 28.38
CA TYR B 21 12.55 5.61 28.16
C TYR B 21 13.59 6.69 28.35
N PRO B 22 13.88 7.05 29.63
CA PRO B 22 14.84 8.14 29.91
C PRO B 22 16.19 7.97 29.22
N ILE B 23 16.62 6.71 29.01
CA ILE B 23 17.90 6.40 28.32
C ILE B 23 18.04 7.07 26.95
N ALA B 24 16.92 7.52 26.40
CA ALA B 24 16.84 8.25 25.15
C ALA B 24 17.78 9.46 25.11
N ASN B 25 17.92 10.15 26.25
CA ASN B 25 18.83 11.30 26.40
C ASN B 25 20.21 10.91 26.89
N GLY B 26 20.53 9.62 26.86
CA GLY B 26 21.80 9.08 27.35
C GLY B 26 23.00 9.44 26.51
N ASN B 27 24.14 8.85 26.85
CA ASN B 27 25.40 9.22 26.21
C ASN B 27 25.84 8.32 25.04
N ASN B 28 25.10 7.24 24.78
CA ASN B 28 25.49 6.27 23.74
C ASN B 28 24.28 5.95 22.83
N GLN B 29 23.55 7.00 22.46
CA GLN B 29 22.32 6.88 21.67
C GLN B 29 22.57 6.92 20.16
N SER B 30 21.70 6.24 19.41
CA SER B 30 21.81 6.10 17.95
C SER B 30 20.48 6.47 17.31
N PRO B 31 20.47 6.80 16.00
CA PRO B 31 21.67 6.82 15.16
C PRO B 31 22.50 8.11 15.40
N VAL B 32 23.64 8.21 14.71
CA VAL B 32 24.47 9.45 14.74
C VAL B 32 24.78 9.92 13.33
N ASP B 33 25.23 11.17 13.21
CA ASP B 33 25.85 11.64 11.98
C ASP B 33 27.30 11.23 11.96
N ILE B 34 27.75 10.67 10.86
CA ILE B 34 29.15 10.37 10.75
C ILE B 34 29.85 11.47 9.98
N LYS B 35 30.66 12.27 10.67
CA LYS B 35 31.44 13.31 9.95
C LYS B 35 32.75 12.74 9.52
N THR B 36 32.95 12.61 8.22
CA THR B 36 34.10 11.86 7.76
C THR B 36 35.45 12.51 8.05
N SER B 37 35.44 13.81 8.33
CA SER B 37 36.71 14.49 8.66
C SER B 37 37.09 14.33 10.13
N GLU B 38 36.13 13.89 10.95
CA GLU B 38 36.40 13.60 12.38
C GLU B 38 36.65 12.10 12.69
N THR B 39 36.53 11.23 11.67
CA THR B 39 36.71 9.78 11.88
C THR B 39 38.19 9.47 12.03
N LYS B 40 38.47 8.44 12.82
CA LYS B 40 39.85 8.04 13.15
C LYS B 40 40.07 6.63 12.62
N HIS B 41 41.12 6.44 11.82
CA HIS B 41 41.51 5.09 11.42
C HIS B 41 42.15 4.30 12.57
N ASP B 42 41.59 3.13 12.82
CA ASP B 42 42.10 2.31 13.87
C ASP B 42 42.65 1.04 13.25
N THR B 43 43.95 0.86 13.38
CA THR B 43 44.62 -0.24 12.69
C THR B 43 44.28 -1.61 13.30
N SER B 44 43.62 -1.61 14.47
CA SER B 44 43.26 -2.86 15.14
C SER B 44 41.93 -3.45 14.61
N LEU B 45 41.27 -2.72 13.71
CA LEU B 45 39.99 -3.18 13.14
C LEU B 45 40.24 -4.12 11.97
N LYS B 46 39.89 -5.38 12.15
CA LYS B 46 40.05 -6.41 11.13
C LYS B 46 38.95 -6.31 10.07
N PRO B 47 39.13 -6.95 8.90
CA PRO B 47 37.94 -7.00 8.03
C PRO B 47 36.73 -7.66 8.75
N ILE B 48 35.54 -7.22 8.43
CA ILE B 48 34.33 -7.84 8.96
C ILE B 48 34.08 -9.11 8.11
N SER B 49 33.77 -10.22 8.76
CA SER B 49 33.50 -11.46 8.03
C SER B 49 32.10 -11.99 8.43
N VAL B 50 31.22 -12.20 7.46
CA VAL B 50 29.93 -12.82 7.78
C VAL B 50 29.79 -14.18 7.06
N SER B 51 29.23 -15.16 7.76
CA SER B 51 28.93 -16.40 7.10
C SER B 51 27.61 -16.83 7.67
N TYR B 52 26.61 -16.63 6.86
CA TYR B 52 25.28 -17.02 7.25
C TYR B 52 24.81 -18.28 6.55
N ASN B 53 24.16 -19.14 7.32
CA ASN B 53 23.60 -20.38 6.79
C ASN B 53 22.15 -20.06 6.39
N PRO B 54 21.80 -20.21 5.11
CA PRO B 54 20.46 -19.79 4.74
C PRO B 54 19.34 -20.66 5.33
N ALA B 55 19.66 -21.83 5.84
CA ALA B 55 18.70 -22.65 6.58
C ALA B 55 18.27 -22.05 7.96
N THR B 56 18.90 -20.97 8.43
CA THR B 56 18.51 -20.41 9.73
C THR B 56 17.38 -19.40 9.57
N ALA B 57 17.08 -19.01 8.35
CA ALA B 57 15.99 -18.12 8.09
C ALA B 57 14.71 -18.79 8.57
N LYS B 58 13.91 -18.03 9.31
CA LYS B 58 12.74 -18.63 9.96
C LYS B 58 11.38 -18.02 9.66
N GLU B 59 11.20 -16.70 9.85
CA GLU B 59 9.87 -16.16 9.99
C GLU B 59 9.91 -14.68 9.70
N ILE B 60 8.88 -14.17 9.05
CA ILE B 60 8.74 -12.72 8.86
C ILE B 60 7.53 -12.24 9.64
N ILE B 61 7.59 -11.02 10.19
CA ILE B 61 6.53 -10.63 11.12
C ILE B 61 6.32 -9.15 11.03
N ASN B 62 5.05 -8.74 11.04
CA ASN B 62 4.71 -7.36 11.14
C ASN B 62 4.60 -7.00 12.63
N VAL B 63 5.46 -6.04 13.05
CA VAL B 63 5.60 -5.62 14.46
C VAL B 63 4.94 -4.28 14.75
N GLY B 64 4.12 -3.79 13.84
CA GLY B 64 3.30 -2.59 14.12
C GLY B 64 3.97 -1.37 13.60
N HIS B 65 5.23 -1.19 13.98
CA HIS B 65 5.99 -0.05 13.50
C HIS B 65 6.97 -0.42 12.39
N SER B 66 7.14 -1.72 12.11
CA SER B 66 8.11 -2.15 11.11
C SER B 66 7.82 -3.62 10.80
N PHE B 67 8.72 -4.30 10.13
CA PHE B 67 8.56 -5.76 9.97
C PHE B 67 9.95 -6.29 10.17
N HIS B 68 10.03 -7.52 10.68
CA HIS B 68 11.30 -8.13 11.07
C HIS B 68 11.38 -9.46 10.31
N VAL B 69 12.57 -9.79 9.83
CA VAL B 69 12.85 -11.15 9.31
C VAL B 69 13.75 -11.83 10.37
N ASN B 70 13.21 -12.87 11.04
CA ASN B 70 13.88 -13.54 12.12
C ASN B 70 14.54 -14.85 11.72
N PHE B 71 15.66 -15.13 12.39
CA PHE B 71 16.50 -16.34 12.12
C PHE B 71 16.55 -17.22 13.35
N GLU B 72 16.65 -18.53 13.16
CA GLU B 72 16.81 -19.45 14.28
C GLU B 72 18.17 -19.13 14.83
N ASP B 73 18.28 -18.98 16.15
CA ASP B 73 19.52 -18.51 16.78
C ASP B 73 19.94 -19.40 17.95
N ASN B 74 19.55 -20.68 17.89
CA ASN B 74 19.96 -21.61 18.96
C ASN B 74 21.45 -22.06 18.84
N ASP B 75 22.05 -21.95 17.67
CA ASP B 75 23.46 -22.26 17.55
C ASP B 75 24.23 -21.19 16.75
N ASN B 76 25.50 -21.45 16.46
CA ASN B 76 26.31 -20.57 15.65
C ASN B 76 26.45 -20.97 14.21
N ARG B 77 25.39 -21.45 13.58
CA ARG B 77 25.44 -21.59 12.11
C ARG B 77 25.54 -20.26 11.30
N SER B 78 25.00 -19.16 11.84
CA SER B 78 25.01 -17.88 11.13
C SER B 78 25.66 -16.84 12.03
N VAL B 79 26.86 -16.39 11.66
CA VAL B 79 27.66 -15.57 12.57
C VAL B 79 28.36 -14.40 11.88
N LEU B 80 28.53 -13.32 12.64
CA LEU B 80 29.41 -12.19 12.31
C LEU B 80 30.70 -12.26 13.16
N LYS B 81 31.84 -12.00 12.54
CA LYS B 81 33.05 -11.83 13.30
C LYS B 81 34.03 -10.90 12.60
N GLY B 82 35.12 -10.56 13.30
CA GLY B 82 36.16 -9.70 12.68
C GLY B 82 35.83 -8.28 13.08
N GLY B 83 36.29 -7.29 12.31
CA GLY B 83 36.07 -5.88 12.70
C GLY B 83 36.55 -5.60 14.12
N PRO B 84 35.73 -4.93 14.93
CA PRO B 84 36.17 -4.58 16.31
C PRO B 84 36.04 -5.73 17.31
N PHE B 85 35.61 -6.91 16.85
CA PHE B 85 35.19 -7.99 17.76
C PHE B 85 36.24 -9.09 17.85
N SER B 86 36.46 -9.62 19.06
CA SER B 86 37.22 -10.91 19.20
C SER B 86 36.27 -12.12 19.30
N ASP B 87 35.10 -11.89 19.90
CA ASP B 87 34.01 -12.86 19.93
C ASP B 87 33.31 -12.99 18.57
N SER B 88 32.66 -14.12 18.31
CA SER B 88 31.67 -14.19 17.24
C SER B 88 30.30 -13.76 17.76
N TYR B 89 29.49 -13.11 16.91
CA TYR B 89 28.11 -12.74 17.22
C TYR B 89 27.11 -13.54 16.34
N ARG B 90 25.98 -13.90 16.91
CA ARG B 90 25.00 -14.78 16.22
C ARG B 90 23.89 -13.93 15.61
N LEU B 91 23.64 -14.14 14.31
CA LEU B 91 22.60 -13.47 13.54
C LEU B 91 21.22 -13.78 14.09
N PHE B 92 20.42 -12.76 14.34
CA PHE B 92 19.05 -13.08 14.79
C PHE B 92 17.94 -12.51 13.92
N GLN B 93 18.22 -11.37 13.27
CA GLN B 93 17.18 -10.63 12.60
C GLN B 93 17.79 -9.65 11.63
N PHE B 94 17.01 -9.34 10.60
CA PHE B 94 17.18 -8.09 9.83
C PHE B 94 15.88 -7.37 9.65
N HIS B 95 16.00 -6.07 9.47
CA HIS B 95 14.85 -5.22 9.25
C HIS B 95 15.32 -3.91 8.58
N PHE B 96 14.38 -3.01 8.24
CA PHE B 96 14.71 -1.79 7.49
C PHE B 96 14.10 -0.67 8.31
N HIS B 97 14.56 0.52 8.01
CA HIS B 97 13.93 1.80 8.44
C HIS B 97 13.79 2.58 7.16
N TRP B 98 12.67 3.30 7.06
CA TRP B 98 12.40 4.17 5.92
C TRP B 98 11.75 5.46 6.41
N GLY B 99 11.59 6.40 5.48
CA GLY B 99 11.00 7.73 5.76
C GLY B 99 9.70 8.00 4.98
N SER B 100 9.02 9.11 5.25
CA SER B 100 7.73 9.31 4.54
C SER B 100 7.90 9.75 3.07
N THR B 101 9.09 10.22 2.73
CA THR B 101 9.49 10.54 1.36
C THR B 101 10.80 9.82 1.04
N ASN B 102 11.18 9.77 -0.23
CA ASN B 102 12.54 9.31 -0.60
C ASN B 102 13.73 10.19 -0.17
N GLU B 103 13.46 11.34 0.41
CA GLU B 103 14.53 12.30 0.75
C GLU B 103 15.23 12.04 2.08
N HIS B 104 14.50 11.50 3.05
CA HIS B 104 15.14 11.10 4.29
C HIS B 104 14.38 9.96 4.86
N GLY B 105 15.02 8.81 4.81
CA GLY B 105 14.44 7.64 5.41
C GLY B 105 15.49 6.84 6.12
N SER B 106 16.77 7.11 5.87
CA SER B 106 17.80 6.42 6.62
C SER B 106 17.87 6.97 8.03
N GLU B 107 18.59 6.24 8.88
CA GLU B 107 18.79 6.62 10.25
C GLU B 107 20.14 7.31 10.41
N HIS B 108 21.18 6.60 10.06
CA HIS B 108 22.49 7.24 10.13
C HIS B 108 22.57 8.19 8.95
N THR B 109 23.42 9.22 9.08
CA THR B 109 23.68 10.13 7.97
C THR B 109 25.18 10.19 7.86
N VAL B 110 25.70 10.61 6.70
CA VAL B 110 27.16 10.73 6.49
C VAL B 110 27.44 12.18 6.00
N ASP B 111 28.21 12.93 6.79
CA ASP B 111 28.45 14.36 6.55
C ASP B 111 27.16 15.12 6.34
N GLY B 112 26.14 14.88 7.16
CA GLY B 112 24.79 15.46 6.96
C GLY B 112 23.89 14.93 5.86
N VAL B 113 24.36 14.00 5.01
CA VAL B 113 23.49 13.51 3.93
C VAL B 113 22.60 12.37 4.41
N LYS B 114 21.31 12.55 4.19
CA LYS B 114 20.29 11.57 4.55
C LYS B 114 20.07 10.70 3.33
N TYR B 115 20.07 9.40 3.51
CA TYR B 115 19.71 8.47 2.46
C TYR B 115 18.24 8.12 2.50
N SER B 116 17.81 7.21 1.61
CA SER B 116 16.39 6.94 1.45
C SER B 116 15.87 5.92 2.46
N ALA B 117 16.71 4.93 2.81
CA ALA B 117 16.34 3.92 3.79
C ALA B 117 17.61 3.36 4.40
N GLU B 118 17.43 2.40 5.31
CA GLU B 118 18.56 1.76 6.00
C GLU B 118 18.20 0.31 6.30
N LEU B 119 19.14 -0.59 5.98
CA LEU B 119 19.03 -2.00 6.37
C LEU B 119 19.83 -2.18 7.66
N HIS B 120 19.22 -2.83 8.63
CA HIS B 120 19.90 -3.27 9.88
C HIS B 120 19.98 -4.82 9.94
N VAL B 121 21.19 -5.35 10.02
CA VAL B 121 21.40 -6.80 10.19
C VAL B 121 21.93 -7.02 11.61
N ALA B 122 21.11 -7.63 12.45
CA ALA B 122 21.39 -7.70 13.90
C ALA B 122 21.91 -9.07 14.42
N HIS B 123 22.83 -9.01 15.39
CA HIS B 123 23.57 -10.17 15.91
C HIS B 123 23.71 -10.04 17.41
N TRP B 124 23.76 -11.16 18.13
CA TRP B 124 23.94 -11.06 19.59
C TRP B 124 25.17 -11.84 20.07
N ASN B 125 25.77 -11.41 21.18
CA ASN B 125 27.08 -11.99 21.58
C ASN B 125 26.95 -13.43 22.17
N SER B 126 27.12 -14.48 21.35
CA SER B 126 26.94 -15.86 21.87
C SER B 126 28.24 -16.52 22.41
N ALA B 127 29.35 -15.79 22.39
CA ALA B 127 30.56 -16.27 23.09
C ALA B 127 30.42 -15.94 24.57
N LYS B 128 29.90 -14.75 24.88
CA LYS B 128 29.81 -14.24 26.24
C LYS B 128 28.45 -14.49 26.87
N TYR B 129 27.40 -14.44 26.08
CA TYR B 129 26.08 -14.71 26.65
C TYR B 129 25.43 -15.94 26.06
N SER B 130 24.27 -16.29 26.61
CA SER B 130 23.63 -17.58 26.35
C SER B 130 22.33 -17.41 25.58
N SER B 131 21.74 -16.21 25.67
CA SER B 131 20.54 -15.87 24.89
C SER B 131 20.45 -14.38 24.47
N LEU B 132 19.64 -14.13 23.44
CA LEU B 132 19.26 -12.77 23.07
C LEU B 132 18.70 -11.94 24.23
N ALA B 133 17.79 -12.51 25.03
CA ALA B 133 17.24 -11.76 26.18
C ALA B 133 18.37 -11.30 27.13
N GLU B 134 19.37 -12.14 27.33
CA GLU B 134 20.48 -11.79 28.20
C GLU B 134 21.43 -10.82 27.49
N ALA B 135 21.77 -11.11 26.23
CA ALA B 135 22.69 -10.26 25.46
C ALA B 135 22.19 -8.81 25.36
N ALA B 136 20.88 -8.62 25.27
CA ALA B 136 20.25 -7.39 24.81
C ALA B 136 20.50 -6.11 25.60
N SER B 137 20.82 -6.23 26.88
CA SER B 137 21.00 -5.01 27.67
C SER B 137 22.45 -4.79 28.03
N LYS B 138 23.35 -5.59 27.46
CA LYS B 138 24.77 -5.60 27.84
C LYS B 138 25.54 -4.71 26.85
N ALA B 139 26.51 -3.94 27.33
CA ALA B 139 27.19 -2.95 26.47
C ALA B 139 27.83 -3.61 25.23
N ASP B 140 28.33 -4.81 25.44
CA ASP B 140 28.89 -5.59 24.37
C ASP B 140 27.88 -6.65 23.83
N GLY B 141 26.60 -6.48 24.13
CA GLY B 141 25.61 -7.54 23.80
C GLY B 141 25.21 -7.76 22.33
N LEU B 142 25.06 -6.65 21.59
CA LEU B 142 24.58 -6.68 20.19
C LEU B 142 25.60 -6.07 19.21
N ALA B 143 25.55 -6.57 17.99
CA ALA B 143 26.31 -6.06 16.85
C ALA B 143 25.35 -5.96 15.66
N VAL B 144 25.23 -4.74 15.11
CA VAL B 144 24.29 -4.46 14.02
C VAL B 144 25.03 -3.78 12.88
N ILE B 145 24.96 -4.42 11.71
CA ILE B 145 25.46 -3.86 10.47
C ILE B 145 24.40 -2.95 9.88
N GLY B 146 24.75 -1.70 9.66
CA GLY B 146 23.84 -0.79 8.95
C GLY B 146 24.34 -0.55 7.54
N VAL B 147 23.39 -0.62 6.60
CA VAL B 147 23.65 -0.31 5.20
C VAL B 147 22.72 0.75 4.73
N LEU B 148 23.29 1.86 4.28
CA LEU B 148 22.52 2.97 3.71
C LEU B 148 21.91 2.59 2.34
N MET B 149 20.64 2.91 2.14
CA MET B 149 19.96 2.60 0.89
C MET B 149 19.63 3.88 0.12
N LYS B 150 20.14 3.92 -1.12
CA LYS B 150 20.01 5.10 -1.99
C LYS B 150 18.96 4.85 -3.09
N VAL B 151 17.90 5.66 -3.08
CA VAL B 151 16.85 5.56 -4.14
C VAL B 151 17.42 5.63 -5.56
N GLY B 152 17.03 4.68 -6.42
CA GLY B 152 17.57 4.63 -7.81
C GLY B 152 16.94 3.42 -8.49
N GLU B 153 17.78 2.55 -9.04
CA GLU B 153 17.31 1.28 -9.62
C GLU B 153 16.71 0.35 -8.62
N ALA B 154 15.73 -0.43 -9.07
CA ALA B 154 15.22 -1.55 -8.28
C ALA B 154 16.35 -2.44 -7.83
N ASN B 155 16.28 -2.89 -6.59
CA ASN B 155 17.25 -3.79 -6.09
C ASN B 155 16.68 -5.19 -6.15
N PRO B 156 17.16 -6.03 -7.08
CA PRO B 156 16.49 -7.33 -7.13
C PRO B 156 16.72 -8.22 -5.94
N LYS B 157 17.79 -8.00 -5.17
CA LYS B 157 18.05 -8.84 -4.01
C LYS B 157 16.98 -8.66 -2.93
N LEU B 158 16.29 -7.53 -2.97
CA LEU B 158 15.12 -7.23 -2.11
C LEU B 158 13.85 -8.00 -2.43
N GLN B 159 13.81 -8.54 -3.65
CA GLN B 159 12.71 -9.37 -4.22
C GLN B 159 11.97 -10.29 -3.25
N LYS B 160 12.68 -11.26 -2.68
CA LYS B 160 12.02 -12.24 -1.84
C LYS B 160 11.43 -11.60 -0.60
N VAL B 161 12.13 -10.63 -0.01
CA VAL B 161 11.56 -9.90 1.13
C VAL B 161 10.26 -9.19 0.76
N LEU B 162 10.28 -8.44 -0.33
CA LEU B 162 9.11 -7.65 -0.78
C LEU B 162 7.89 -8.51 -1.12
N ASP B 163 8.13 -9.68 -1.74
CA ASP B 163 7.10 -10.66 -2.09
C ASP B 163 6.43 -11.28 -0.87
N ALA B 164 7.12 -11.26 0.26
CA ALA B 164 6.60 -11.89 1.46
C ALA B 164 5.63 -10.96 2.16
N LEU B 165 5.72 -9.66 1.88
CA LEU B 165 4.97 -8.68 2.67
C LEU B 165 3.43 -8.80 2.59
N GLN B 166 2.93 -9.32 1.47
CA GLN B 166 1.47 -9.45 1.30
C GLN B 166 0.89 -10.46 2.32
N ALA B 167 1.71 -11.27 2.95
CA ALA B 167 1.18 -12.28 3.87
C ALA B 167 1.22 -11.75 5.30
N ILE B 168 1.79 -10.54 5.48
CA ILE B 168 1.95 -9.92 6.82
C ILE B 168 1.50 -8.49 6.84
N LYS B 169 0.33 -8.27 6.27
CA LYS B 169 -0.08 -6.92 6.02
C LYS B 169 -0.39 -6.12 7.25
N THR B 170 -0.90 -6.77 8.31
CA THR B 170 -1.34 -6.02 9.50
C THR B 170 -0.55 -6.44 10.74
N LYS B 171 -0.51 -5.57 11.76
CA LYS B 171 0.22 -5.81 13.03
C LYS B 171 0.02 -7.17 13.63
N GLY B 172 1.11 -7.91 13.87
CA GLY B 172 0.97 -9.21 14.51
C GLY B 172 0.94 -10.41 13.58
N LYS B 173 0.69 -10.18 12.29
CA LYS B 173 0.72 -11.30 11.33
C LYS B 173 2.14 -11.72 11.09
N ARG B 174 2.33 -12.99 10.73
CA ARG B 174 3.63 -13.57 10.58
C ARG B 174 3.49 -14.72 9.57
N ALA B 175 4.60 -15.05 8.91
CA ALA B 175 4.63 -16.20 8.00
C ALA B 175 6.01 -16.81 7.96
N PRO B 176 6.09 -18.08 7.55
CA PRO B 176 7.37 -18.71 7.33
C PRO B 176 8.18 -17.88 6.33
N PHE B 177 9.49 -17.81 6.54
CA PHE B 177 10.37 -17.14 5.58
C PHE B 177 11.65 -17.94 5.66
N THR B 178 11.97 -18.77 4.64
CA THR B 178 13.04 -19.73 4.82
C THR B 178 14.05 -19.66 3.70
N ASN B 179 15.19 -20.29 3.96
CA ASN B 179 16.19 -20.48 2.93
C ASN B 179 16.57 -19.09 2.38
N PHE B 180 17.17 -18.27 3.23
CA PHE B 180 17.60 -16.94 2.76
C PHE B 180 18.86 -16.51 3.51
N ASP B 181 19.89 -16.13 2.72
CA ASP B 181 21.18 -15.68 3.25
C ASP B 181 21.15 -14.14 3.13
N PRO B 182 20.96 -13.45 4.25
CA PRO B 182 20.84 -11.98 4.11
C PRO B 182 22.17 -11.27 3.81
N SER B 183 23.29 -11.98 3.79
CA SER B 183 24.57 -11.39 3.28
C SER B 183 24.45 -10.96 1.82
N THR B 184 23.47 -11.53 1.08
CA THR B 184 23.21 -11.19 -0.32
C THR B 184 22.70 -9.75 -0.43
N LEU B 185 22.21 -9.20 0.69
CA LEU B 185 21.82 -7.79 0.69
C LEU B 185 22.93 -6.80 0.95
N LEU B 186 24.12 -7.28 1.35
CA LEU B 186 25.25 -6.36 1.67
C LEU B 186 25.86 -5.77 0.42
N PRO B 187 26.50 -4.57 0.54
CA PRO B 187 27.29 -4.10 -0.60
C PRO B 187 28.53 -5.01 -0.90
N SER B 188 29.15 -4.92 -2.10
CA SER B 188 30.35 -5.73 -2.42
C SER B 188 31.51 -5.52 -1.47
N SER B 189 31.83 -4.27 -1.19
CA SER B 189 32.89 -3.96 -0.28
C SER B 189 32.31 -3.72 1.10
N LEU B 190 32.99 -4.30 2.10
CA LEU B 190 32.60 -4.18 3.48
C LEU B 190 33.47 -3.22 4.30
N ASP B 191 34.07 -2.21 3.67
CA ASP B 191 34.76 -1.12 4.44
C ASP B 191 33.73 -0.53 5.38
N PHE B 192 34.11 -0.16 6.60
CA PHE B 192 33.11 0.29 7.56
C PHE B 192 33.55 1.35 8.56
N TRP B 193 32.56 2.03 9.15
CA TRP B 193 32.74 2.82 10.32
C TRP B 193 32.16 2.04 11.48
N THR B 194 32.80 2.19 12.64
CA THR B 194 32.19 1.67 13.88
C THR B 194 32.18 2.64 15.06
N TYR B 195 31.16 2.50 15.90
CA TYR B 195 31.05 3.34 17.09
C TYR B 195 30.12 2.61 18.07
N PRO B 196 30.20 2.97 19.35
CA PRO B 196 29.30 2.34 20.33
C PRO B 196 27.97 3.08 20.45
N GLY B 197 26.86 2.36 20.35
CA GLY B 197 25.59 3.05 20.44
C GLY B 197 24.45 2.22 20.95
N SER B 198 23.29 2.45 20.37
CA SER B 198 22.06 1.97 20.97
C SER B 198 21.11 1.35 19.94
N LEU B 199 20.06 0.68 20.41
CA LEU B 199 18.90 0.41 19.55
C LEU B 199 18.36 1.78 19.18
N THR B 200 17.80 1.91 17.96
CA THR B 200 17.26 3.23 17.56
C THR B 200 15.77 3.43 17.86
N HIS B 201 15.12 2.43 18.44
CA HIS B 201 13.77 2.64 18.94
C HIS B 201 13.67 2.02 20.36
N PRO B 202 12.60 2.33 21.17
CA PRO B 202 12.44 1.70 22.49
C PRO B 202 12.61 0.17 22.42
N PRO B 203 13.34 -0.45 23.34
CA PRO B 203 13.77 0.15 24.61
C PRO B 203 15.07 0.98 24.57
N LEU B 204 15.68 1.20 23.39
CA LEU B 204 16.83 2.14 23.31
C LEU B 204 18.07 1.77 24.11
N TYR B 205 18.20 0.47 24.38
CA TYR B 205 19.29 -0.09 25.12
C TYR B 205 20.62 0.30 24.52
N GLU B 206 21.57 0.72 25.35
CA GLU B 206 22.89 1.10 24.83
C GLU B 206 23.82 -0.10 24.74
N SER B 207 23.43 -1.05 23.91
CA SER B 207 24.02 -2.36 23.88
C SER B 207 24.60 -2.73 22.52
N VAL B 208 24.68 -1.76 21.60
CA VAL B 208 24.96 -2.08 20.20
C VAL B 208 26.32 -1.57 19.75
N THR B 209 27.15 -2.46 19.22
CA THR B 209 28.30 -1.98 18.50
C THR B 209 27.85 -1.85 17.06
N TRP B 210 27.82 -0.62 16.55
CA TRP B 210 27.43 -0.36 15.15
C TRP B 210 28.54 -0.61 14.13
N ILE B 211 28.19 -1.30 13.05
CA ILE B 211 29.05 -1.45 11.89
C ILE B 211 28.33 -0.79 10.71
N ILE B 212 28.69 0.47 10.38
CA ILE B 212 28.02 1.17 9.28
C ILE B 212 28.84 0.99 8.00
N CYS B 213 28.26 0.36 6.96
CA CYS B 213 29.00 0.20 5.69
C CYS B 213 29.27 1.56 5.02
N LYS B 214 30.49 1.70 4.53
CA LYS B 214 30.85 2.83 3.69
C LYS B 214 30.05 2.88 2.38
N GLU B 215 29.85 1.74 1.73
CA GLU B 215 29.11 1.71 0.49
C GLU B 215 27.61 1.50 0.73
N SER B 216 26.81 2.12 -0.12
CA SER B 216 25.34 2.02 -0.08
C SER B 216 24.81 0.93 -1.03
N ILE B 217 23.54 0.54 -0.89
CA ILE B 217 22.91 -0.30 -1.90
C ILE B 217 21.72 0.46 -2.50
N SER B 218 21.16 -0.06 -3.62
CA SER B 218 20.02 0.67 -4.20
C SER B 218 18.67 0.17 -3.72
N VAL B 219 17.64 0.92 -4.08
CA VAL B 219 16.23 0.59 -3.81
C VAL B 219 15.45 1.51 -4.73
N SER B 220 14.38 1.01 -5.31
CA SER B 220 13.60 1.89 -6.20
C SER B 220 12.52 2.59 -5.42
N SER B 221 11.93 3.58 -6.07
CA SER B 221 10.82 4.36 -5.45
C SER B 221 9.62 3.45 -5.21
N GLU B 222 9.47 2.43 -6.04
CA GLU B 222 8.28 1.54 -5.90
C GLU B 222 8.53 0.55 -4.79
N GLN B 223 9.78 0.12 -4.68
CA GLN B 223 10.17 -0.75 -3.60
C GLN B 223 9.96 -0.11 -2.27
N LEU B 224 10.28 1.18 -2.15
CA LEU B 224 10.01 1.89 -0.93
C LEU B 224 8.53 1.95 -0.65
N ALA B 225 7.73 2.11 -1.70
CA ALA B 225 6.30 2.27 -1.46
C ALA B 225 5.69 0.98 -0.97
N GLN B 226 6.28 -0.14 -1.36
CA GLN B 226 5.89 -1.41 -0.81
C GLN B 226 6.10 -1.47 0.71
N PHE B 227 7.24 -0.99 1.21
CA PHE B 227 7.44 -0.85 2.66
C PHE B 227 6.30 -0.03 3.29
N ARG B 228 5.99 1.13 2.69
CA ARG B 228 4.94 2.05 3.23
C ARG B 228 3.50 1.56 3.08
N SER B 229 3.27 0.47 2.37
CA SER B 229 1.91 -0.01 2.29
C SER B 229 1.67 -1.16 3.30
N LEU B 230 2.72 -1.48 4.08
CA LEU B 230 2.48 -2.27 5.28
C LEU B 230 1.58 -1.48 6.23
N LEU B 231 0.74 -2.20 6.98
CA LEU B 231 -0.19 -1.52 7.88
C LEU B 231 0.21 -1.67 9.36
N SER B 232 0.11 -0.58 10.13
CA SER B 232 0.45 -0.62 11.56
C SER B 232 -0.66 -1.13 12.48
N ASN B 233 -1.87 -1.27 11.93
CA ASN B 233 -3.06 -1.58 12.73
C ASN B 233 -3.25 -3.07 12.75
N VAL B 234 -4.08 -3.53 13.68
CA VAL B 234 -4.48 -4.92 13.61
C VAL B 234 -5.57 -5.09 12.54
N GLU B 235 -5.66 -6.31 12.03
CA GLU B 235 -6.65 -6.72 11.07
C GLU B 235 -8.05 -6.35 11.50
N GLY B 236 -8.79 -5.69 10.62
CA GLY B 236 -10.19 -5.38 10.86
C GLY B 236 -10.36 -3.93 11.25
N ASP B 237 -9.30 -3.32 11.76
CA ASP B 237 -9.31 -1.88 12.08
C ASP B 237 -9.08 -1.08 10.81
N ASN B 238 -9.29 0.23 10.89
CA ASN B 238 -9.11 1.04 9.71
C ASN B 238 -7.62 1.02 9.36
N ALA B 239 -7.30 0.84 8.09
CA ALA B 239 -5.89 0.67 7.64
C ALA B 239 -5.11 1.94 7.92
N VAL B 240 -3.94 1.84 8.59
CA VAL B 240 -3.06 3.00 8.85
C VAL B 240 -1.65 2.65 8.26
N PRO B 241 -1.29 3.26 7.12
CA PRO B 241 -0.01 2.84 6.54
C PRO B 241 1.18 3.13 7.43
N MET B 242 2.15 2.23 7.38
CA MET B 242 3.44 2.38 8.05
C MET B 242 4.31 3.39 7.27
N GLN B 243 4.13 4.67 7.51
CA GLN B 243 4.71 5.64 6.63
C GLN B 243 6.19 5.89 6.83
N HIS B 244 6.65 5.80 8.07
CA HIS B 244 8.05 6.11 8.42
C HIS B 244 8.40 5.46 9.75
N ASN B 245 9.68 5.19 9.98
CA ASN B 245 10.10 4.64 11.25
C ASN B 245 11.60 4.90 11.49
N ASN B 246 12.04 6.10 11.13
CA ASN B 246 13.42 6.49 11.32
C ASN B 246 13.59 7.54 12.43
N ARG B 247 14.54 7.30 13.30
CA ARG B 247 14.81 8.23 14.40
C ARG B 247 15.81 9.26 13.91
N PRO B 248 15.64 10.56 14.29
CA PRO B 248 16.67 11.55 13.96
C PRO B 248 18.01 11.21 14.61
N THR B 249 19.11 11.76 14.06
CA THR B 249 20.43 11.51 14.62
C THR B 249 20.59 12.15 16.01
N GLN B 250 21.49 11.59 16.81
CA GLN B 250 21.60 11.99 18.19
C GLN B 250 23.01 12.48 18.48
N PRO B 251 23.17 13.33 19.53
CA PRO B 251 24.50 13.83 19.90
C PRO B 251 25.56 12.75 20.18
N LEU B 252 26.75 12.94 19.62
CA LEU B 252 27.86 12.04 19.82
C LEU B 252 28.36 12.00 21.27
N LYS B 253 28.17 13.12 21.99
CA LYS B 253 28.55 13.22 23.41
C LYS B 253 29.91 12.64 23.68
N GLY B 254 30.84 12.99 22.82
CA GLY B 254 32.23 12.65 23.06
C GLY B 254 32.69 11.36 22.41
N ARG B 255 31.76 10.55 21.87
CA ARG B 255 32.19 9.27 21.28
C ARG B 255 33.03 9.50 20.04
N THR B 256 33.81 8.49 19.69
CA THR B 256 34.63 8.50 18.49
C THR B 256 34.01 7.53 17.47
N VAL B 257 33.90 7.96 16.22
CA VAL B 257 33.54 7.03 15.17
C VAL B 257 34.82 6.59 14.53
N ARG B 258 35.09 5.29 14.53
CA ARG B 258 36.32 4.77 13.90
C ARG B 258 36.09 4.23 12.51
N ALA B 259 37.10 4.32 11.66
CA ALA B 259 37.07 3.82 10.30
C ALA B 259 37.99 2.62 10.13
N SER B 260 37.53 1.63 9.36
CA SER B 260 38.36 0.49 8.96
C SER B 260 39.28 0.79 7.79
N PHE B 261 39.10 1.94 7.14
CA PHE B 261 39.67 2.19 5.80
C PHE B 261 40.22 3.61 5.77
#